data_3ISJ
#
_entry.id   3ISJ
#
_cell.length_a   48.240
_cell.length_b   71.130
_cell.length_c   81.710
_cell.angle_alpha   90.00
_cell.angle_beta   99.68
_cell.angle_gamma   90.00
#
_symmetry.space_group_name_H-M   'P 1 21 1'
#
loop_
_entity.id
_entity.type
_entity.pdbx_description
1 polymer 'Pantothenate synthetase'
2 non-polymer ETHANOL
3 non-polymer GLYCEROL
4 non-polymer 5-methoxy-N-(methylsulfonyl)-1H-indole-2-carboxamide
5 non-polymer 'SULFATE ION'
6 water water
#
_entity_poly.entity_id   1
_entity_poly.type   'polypeptide(L)'
_entity_poly.pdbx_seq_one_letter_code
;MAIPAFHPGELNVYSAPGDVADVSRALRLTGRRVMLVPTMGALHEGHLALVRAAKRVPGSVVVVSIFVNPMQFGAGGDLD
AYPRTPDDDLAQLRAEGVEIAFTPTTAAMYPDGLRTTVQPGPLAAELEGGPRPTHFAGVLTVVLKLLQIVRPDRVFFGEK
DYQQLVLIRQLVADFNLDVAVVGVPTVREADGLAMSSRNRYLDPAQRAAAVALSAALTAAAHAATAGAQAALDAARAVLD
AAPGVAVDYLELRDIGLGPMPLNGSGRLLVAARLGTTRLLDNIAIEIGTFAGTDRPDGYR
;
_entity_poly.pdbx_strand_id   A,B
#
# COMPACT_ATOMS: atom_id res chain seq x y z
N ILE A 3 -22.14 -11.54 5.47
CA ILE A 3 -21.54 -12.20 6.67
C ILE A 3 -21.74 -13.75 6.64
N PRO A 4 -20.66 -14.51 6.92
CA PRO A 4 -20.83 -15.91 7.30
C PRO A 4 -20.97 -16.06 8.83
N ALA A 5 -20.99 -17.30 9.31
CA ALA A 5 -21.13 -17.58 10.73
C ALA A 5 -19.96 -17.05 11.57
N PHE A 6 -20.28 -16.39 12.67
CA PHE A 6 -19.32 -16.17 13.73
C PHE A 6 -19.91 -16.66 15.04
N HIS A 7 -19.34 -17.74 15.56
CA HIS A 7 -19.74 -18.27 16.85
C HIS A 7 -18.80 -17.72 17.90
N PRO A 8 -19.32 -16.80 18.78
CA PRO A 8 -18.44 -16.12 19.75
C PRO A 8 -18.01 -17.05 20.84
N GLY A 9 -16.90 -16.70 21.47
CA GLY A 9 -16.29 -17.56 22.49
C GLY A 9 -15.66 -18.81 21.94
N GLU A 10 -15.89 -19.07 20.65
CA GLU A 10 -15.31 -20.21 19.92
C GLU A 10 -14.23 -19.80 18.86
N LEU A 11 -13.39 -20.73 18.42
CA LEU A 11 -12.46 -20.38 17.37
C LEU A 11 -13.17 -20.50 16.02
N ASN A 12 -13.22 -19.40 15.28
CA ASN A 12 -13.80 -19.36 13.93
C ASN A 12 -12.75 -19.22 12.86
N VAL A 13 -12.66 -20.22 12.00
CA VAL A 13 -11.61 -20.33 10.97
C VAL A 13 -12.14 -19.92 9.58
N TYR A 14 -11.60 -18.83 9.04
CA TYR A 14 -11.90 -18.42 7.68
C TYR A 14 -10.68 -18.47 6.79
N SER A 15 -10.96 -18.84 5.55
CA SER A 15 -10.01 -19.00 4.45
C SER A 15 -10.13 -17.84 3.49
N ALA A 16 -11.35 -17.36 3.31
CA ALA A 16 -11.62 -16.34 2.30
C ALA A 16 -11.46 -14.90 2.85
N PRO A 17 -10.67 -14.08 2.15
CA PRO A 17 -10.48 -12.70 2.56
C PRO A 17 -11.80 -12.00 2.83
N GLY A 18 -12.80 -12.24 1.97
CA GLY A 18 -14.10 -11.59 2.03
C GLY A 18 -14.89 -12.07 3.23
N ASP A 19 -14.76 -13.37 3.55
CA ASP A 19 -15.31 -13.94 4.79
C ASP A 19 -14.74 -13.29 6.05
N VAL A 20 -13.40 -13.23 6.18
CA VAL A 20 -12.82 -12.60 7.38
C VAL A 20 -13.12 -11.11 7.41
N ALA A 21 -13.10 -10.48 6.23
CA ALA A 21 -13.34 -9.07 6.07
C ALA A 21 -14.77 -8.74 6.52
N ASP A 22 -15.76 -9.43 5.96
CA ASP A 22 -17.15 -9.20 6.38
C ASP A 22 -17.30 -9.38 7.88
N VAL A 23 -16.78 -10.49 8.40
CA VAL A 23 -16.96 -10.79 9.83
C VAL A 23 -16.29 -9.78 10.69
N SER A 24 -15.05 -9.42 10.31
CA SER A 24 -14.32 -8.32 10.95
C SER A 24 -15.14 -7.03 10.99
N ARG A 25 -15.62 -6.61 9.84
CA ARG A 25 -16.33 -5.35 9.73
C ARG A 25 -17.57 -5.38 10.62
N ALA A 26 -18.14 -6.56 10.78
CA ALA A 26 -19.33 -6.74 11.59
C ALA A 26 -18.98 -6.55 13.04
N LEU A 27 -17.92 -7.18 13.52
CA LEU A 27 -17.56 -7.02 14.92
C LEU A 27 -17.19 -5.57 15.22
N ARG A 28 -16.68 -4.87 14.22
CA ARG A 28 -16.24 -3.51 14.41
C ARG A 28 -17.41 -2.55 14.64
N LEU A 29 -18.60 -2.95 14.25
CA LEU A 29 -19.78 -2.17 14.53
C LEU A 29 -20.32 -2.49 15.94
N THR A 30 -20.56 -3.77 16.23
CA THR A 30 -20.90 -4.24 17.57
C THR A 30 -19.90 -3.78 18.66
N GLY A 31 -18.94 -2.93 18.27
CA GLY A 31 -18.08 -2.19 19.24
C GLY A 31 -16.92 -2.97 19.82
N ARG A 32 -16.67 -4.16 19.27
CA ARG A 32 -15.55 -4.95 19.69
C ARG A 32 -14.29 -4.37 19.01
N ARG A 33 -13.14 -4.65 19.59
CA ARG A 33 -11.95 -4.10 19.01
C ARG A 33 -11.08 -5.17 18.40
N VAL A 34 -10.88 -5.01 17.10
CA VAL A 34 -10.24 -6.01 16.29
C VAL A 34 -8.72 -5.97 16.46
N MET A 35 -8.20 -7.05 16.98
CA MET A 35 -6.76 -7.11 17.22
C MET A 35 -6.19 -8.09 16.23
N LEU A 36 -5.12 -7.67 15.54
CA LEU A 36 -4.49 -8.58 14.54
C LEU A 36 -3.09 -9.02 14.89
N VAL A 37 -2.94 -10.33 14.91
CA VAL A 37 -1.67 -10.94 15.09
C VAL A 37 -1.29 -11.72 13.86
N PRO A 38 -0.49 -11.10 12.96
CA PRO A 38 -0.02 -11.75 11.74
C PRO A 38 1.06 -12.72 12.03
N THR A 39 0.81 -13.99 11.73
CA THR A 39 1.82 -15.03 11.91
C THR A 39 2.06 -15.81 10.59
N MET A 40 3.18 -16.49 10.51
CA MET A 40 3.39 -17.49 9.51
C MET A 40 3.11 -18.90 10.05
N GLY A 41 2.25 -19.00 11.06
CA GLY A 41 2.05 -20.29 11.79
C GLY A 41 3.28 -20.88 12.56
N ALA A 42 3.20 -22.18 12.85
CA ALA A 42 4.20 -22.90 13.62
C ALA A 42 4.46 -22.08 14.88
N LEU A 43 3.41 -21.98 15.65
CA LEU A 43 3.27 -21.07 16.75
C LEU A 43 4.10 -21.52 17.94
N HIS A 44 4.60 -20.54 18.66
CA HIS A 44 5.29 -20.89 19.85
C HIS A 44 4.86 -19.87 20.91
N GLU A 45 5.42 -20.04 22.10
CA GLU A 45 5.13 -19.18 23.22
C GLU A 45 5.27 -17.68 22.83
N GLY A 46 6.23 -17.35 21.96
CA GLY A 46 6.39 -15.97 21.42
C GLY A 46 5.14 -15.46 20.74
N HIS A 47 4.63 -16.24 19.80
CA HIS A 47 3.25 -16.01 19.28
C HIS A 47 2.17 -15.83 20.32
N LEU A 48 2.21 -16.62 21.39
CA LEU A 48 1.11 -16.65 22.36
C LEU A 48 1.14 -15.41 23.22
N ALA A 49 2.34 -14.87 23.42
CA ALA A 49 2.51 -13.59 24.11
C ALA A 49 1.84 -12.48 23.33
N LEU A 50 1.95 -12.55 22.01
CA LEU A 50 1.32 -11.55 21.11
C LEU A 50 -0.18 -11.69 21.27
N VAL A 51 -0.67 -12.94 21.20
CA VAL A 51 -2.08 -13.22 21.40
C VAL A 51 -2.54 -12.68 22.74
N ARG A 52 -1.87 -13.11 23.83
CA ARG A 52 -2.23 -12.68 25.18
C ARG A 52 -2.23 -11.17 25.31
N ALA A 53 -1.23 -10.48 24.75
CA ALA A 53 -1.23 -9.02 24.73
C ALA A 53 -2.39 -8.50 23.91
N ALA A 54 -2.72 -9.17 22.79
CA ALA A 54 -3.89 -8.74 22.04
C ALA A 54 -5.08 -8.97 22.94
N LYS A 55 -5.16 -10.16 23.54
CA LYS A 55 -6.31 -10.59 24.36
C LYS A 55 -6.63 -9.62 25.48
N ARG A 56 -5.58 -8.98 26.01
CA ARG A 56 -5.81 -8.12 27.16
C ARG A 56 -6.30 -6.75 26.74
N VAL A 57 -6.81 -6.60 25.52
CA VAL A 57 -7.36 -5.30 25.12
C VAL A 57 -8.88 -5.31 25.32
N PRO A 58 -9.39 -4.38 26.15
CA PRO A 58 -10.81 -4.33 26.46
C PRO A 58 -11.77 -4.54 25.27
N GLY A 59 -12.58 -5.59 25.36
CA GLY A 59 -13.50 -5.89 24.26
C GLY A 59 -12.81 -6.30 22.96
N SER A 60 -11.58 -6.83 23.08
CA SER A 60 -10.80 -7.29 21.94
C SER A 60 -11.52 -8.47 21.25
N VAL A 61 -11.48 -8.50 19.90
CA VAL A 61 -11.68 -9.79 19.22
C VAL A 61 -10.34 -10.00 18.52
N VAL A 62 -9.77 -11.18 18.69
CA VAL A 62 -8.42 -11.46 18.27
C VAL A 62 -8.42 -12.35 17.03
N VAL A 63 -7.89 -11.75 15.97
CA VAL A 63 -7.64 -12.36 14.69
C VAL A 63 -6.18 -12.78 14.63
N VAL A 64 -6.00 -14.06 14.55
CA VAL A 64 -4.67 -14.59 14.23
C VAL A 64 -4.64 -14.96 12.73
N SER A 65 -3.72 -14.37 12.00
CA SER A 65 -3.65 -14.72 10.61
C SER A 65 -2.56 -15.72 10.53
N ILE A 66 -2.80 -16.74 9.72
CA ILE A 66 -1.75 -17.74 9.45
C ILE A 66 -1.47 -17.84 7.95
N PHE A 67 -0.33 -17.36 7.49
CA PHE A 67 -0.03 -17.39 6.08
C PHE A 67 1.43 -17.38 5.86
N VAL A 68 1.92 -18.34 5.09
CA VAL A 68 3.33 -18.36 4.69
C VAL A 68 3.39 -17.68 3.36
N ASN A 69 3.83 -16.44 3.43
CA ASN A 69 3.83 -15.54 2.32
C ASN A 69 4.90 -15.98 1.35
N PRO A 70 4.56 -16.55 0.19
CA PRO A 70 5.70 -16.89 -0.68
C PRO A 70 6.54 -15.65 -1.18
N MET A 71 6.07 -14.42 -0.98
CA MET A 71 6.74 -13.24 -1.57
C MET A 71 8.00 -12.67 -0.81
N GLN A 72 8.03 -12.87 0.51
CA GLN A 72 9.15 -12.48 1.37
C GLN A 72 10.27 -13.59 1.41
N PHE A 73 10.03 -14.67 0.65
CA PHE A 73 10.92 -15.83 0.57
C PHE A 73 11.72 -15.93 -0.75
N GLY A 74 12.72 -16.81 -0.77
CA GLY A 74 13.19 -17.45 -2.01
C GLY A 74 12.65 -18.90 -2.09
N ALA A 75 13.24 -19.79 -2.90
CA ALA A 75 14.16 -19.49 -4.03
C ALA A 75 15.71 -19.60 -3.92
N GLY A 76 16.39 -18.89 -3.00
CA GLY A 76 15.85 -18.37 -1.76
C GLY A 76 16.19 -19.45 -0.74
N GLY A 77 15.64 -20.64 -0.97
CA GLY A 77 15.82 -21.84 -0.13
C GLY A 77 14.73 -21.94 0.93
N ASP A 78 14.37 -20.76 1.46
CA ASP A 78 13.40 -20.55 2.54
C ASP A 78 12.02 -21.28 2.40
N LEU A 79 11.26 -20.99 1.33
CA LEU A 79 9.80 -21.33 1.22
C LEU A 79 9.27 -22.78 1.54
N ASP A 80 9.84 -23.80 0.89
CA ASP A 80 9.43 -25.21 1.12
C ASP A 80 9.92 -25.80 2.46
N ALA A 81 10.91 -25.13 3.07
CA ALA A 81 11.45 -25.48 4.38
C ALA A 81 10.48 -25.13 5.51
N TYR A 82 10.09 -23.84 5.58
CA TYR A 82 9.26 -23.26 6.66
C TYR A 82 8.23 -24.18 7.31
N PRO A 83 8.36 -24.43 8.64
CA PRO A 83 7.52 -25.43 9.37
C PRO A 83 6.01 -25.19 9.26
N ARG A 84 5.26 -26.24 8.95
CA ARG A 84 3.83 -26.11 8.77
C ARG A 84 3.04 -27.10 9.63
N THR A 85 2.36 -26.57 10.64
CA THR A 85 1.61 -27.39 11.59
C THR A 85 0.26 -26.77 11.93
N PRO A 86 -0.65 -26.65 10.93
CA PRO A 86 -1.91 -25.92 11.21
C PRO A 86 -2.67 -26.56 12.39
N ASP A 87 -2.57 -27.90 12.43
CA ASP A 87 -3.02 -28.76 13.51
C ASP A 87 -2.72 -28.23 14.91
N ASP A 88 -1.46 -28.30 15.31
CA ASP A 88 -1.08 -27.70 16.58
C ASP A 88 -1.54 -26.20 16.59
N ASP A 89 -1.20 -25.45 15.54
CA ASP A 89 -1.40 -24.01 15.52
C ASP A 89 -2.82 -23.70 15.96
N LEU A 90 -3.79 -24.37 15.35
CA LEU A 90 -5.20 -24.09 15.64
C LEU A 90 -5.70 -24.55 17.04
N ALA A 91 -5.05 -25.56 17.58
CA ALA A 91 -5.37 -26.07 18.91
C ALA A 91 -4.85 -25.10 19.97
N GLN A 92 -3.64 -24.60 19.76
CA GLN A 92 -3.09 -23.59 20.65
C GLN A 92 -3.96 -22.36 20.68
N LEU A 93 -4.55 -22.03 19.53
CA LEU A 93 -5.35 -20.79 19.41
C LEU A 93 -6.63 -21.01 20.14
N ARG A 94 -7.21 -22.21 19.98
CA ARG A 94 -8.43 -22.62 20.73
C ARG A 94 -8.17 -22.59 22.25
N ALA A 95 -7.03 -23.11 22.67
CA ALA A 95 -6.67 -23.09 24.06
C ALA A 95 -6.61 -21.64 24.60
N GLU A 96 -6.02 -20.73 23.81
CA GLU A 96 -5.85 -19.31 24.15
C GLU A 96 -7.11 -18.46 24.13
N GLY A 97 -8.22 -19.01 23.63
CA GLY A 97 -9.48 -18.29 23.62
C GLY A 97 -9.57 -17.30 22.47
N VAL A 98 -8.74 -17.51 21.44
CA VAL A 98 -8.73 -16.72 20.20
C VAL A 98 -10.01 -17.06 19.43
N GLU A 99 -10.69 -16.03 18.98
CA GLU A 99 -11.93 -16.28 18.27
C GLU A 99 -11.87 -16.38 16.74
N ILE A 100 -10.87 -15.80 16.11
CA ILE A 100 -10.76 -15.94 14.66
C ILE A 100 -9.33 -16.30 14.23
N ALA A 101 -9.22 -17.40 13.47
CA ALA A 101 -8.05 -17.65 12.63
C ALA A 101 -8.38 -17.39 11.12
N PHE A 102 -7.54 -16.59 10.52
CA PHE A 102 -7.63 -16.31 9.10
C PHE A 102 -6.52 -17.09 8.44
N THR A 103 -6.91 -18.13 7.71
CA THR A 103 -5.95 -19.04 6.97
C THR A 103 -6.18 -19.02 5.41
N PRO A 104 -5.80 -17.90 4.70
CA PRO A 104 -5.95 -17.75 3.25
C PRO A 104 -5.05 -18.66 2.45
N THR A 105 -5.51 -18.99 1.25
CA THR A 105 -4.75 -19.71 0.27
C THR A 105 -3.85 -18.72 -0.42
N THR A 106 -2.78 -19.24 -1.06
CA THR A 106 -1.88 -18.41 -1.83
C THR A 106 -2.62 -17.85 -3.06
N ALA A 107 -3.59 -18.61 -3.58
CA ALA A 107 -4.39 -18.13 -4.71
C ALA A 107 -5.25 -16.98 -4.34
N ALA A 108 -5.70 -16.97 -3.09
CA ALA A 108 -6.65 -15.95 -2.70
C ALA A 108 -5.93 -14.67 -2.33
N MET A 109 -4.64 -14.76 -2.00
CA MET A 109 -3.85 -13.57 -1.64
C MET A 109 -3.20 -12.95 -2.88
N TYR A 110 -2.87 -13.82 -3.83
CA TYR A 110 -2.11 -13.48 -5.01
C TYR A 110 -2.75 -14.02 -6.32
N PRO A 111 -4.01 -13.63 -6.59
CA PRO A 111 -4.71 -14.05 -7.79
C PRO A 111 -4.11 -13.45 -9.05
N ASP A 112 -3.32 -12.37 -8.90
CA ASP A 112 -2.65 -11.75 -10.01
C ASP A 112 -1.15 -11.80 -9.88
N GLY A 113 -0.64 -12.78 -9.13
CA GLY A 113 0.80 -12.91 -8.84
C GLY A 113 1.25 -11.63 -8.22
N LEU A 114 2.49 -11.24 -8.51
CA LEU A 114 3.05 -10.10 -7.88
C LEU A 114 2.76 -9.01 -8.85
N ARG A 115 1.81 -8.13 -8.53
CA ARG A 115 1.50 -7.00 -9.44
C ARG A 115 1.73 -5.66 -8.80
N THR A 116 0.73 -5.08 -8.17
CA THR A 116 1.01 -3.91 -7.34
C THR A 116 1.75 -4.41 -6.06
N THR A 117 2.86 -3.79 -5.71
CA THR A 117 3.58 -4.12 -4.44
C THR A 117 4.06 -2.85 -3.64
N VAL A 118 4.54 -3.05 -2.42
CA VAL A 118 5.00 -1.96 -1.55
C VAL A 118 6.49 -1.90 -1.80
N GLN A 119 6.98 -0.69 -2.05
CA GLN A 119 8.42 -0.52 -2.11
C GLN A 119 8.82 0.15 -0.77
N PRO A 120 9.47 -0.64 0.14
CA PRO A 120 10.00 -0.12 1.41
C PRO A 120 10.99 1.01 1.18
N GLY A 121 11.31 1.77 2.23
CA GLY A 121 12.43 2.73 2.17
C GLY A 121 13.77 1.97 2.15
N PRO A 122 14.86 2.72 2.13
CA PRO A 122 16.30 2.33 2.17
C PRO A 122 16.64 1.48 3.39
N LEU A 123 15.95 1.67 4.51
CA LEU A 123 16.12 0.73 5.64
C LEU A 123 16.06 -0.75 5.17
N ALA A 124 15.39 -1.00 4.04
CA ALA A 124 14.98 -2.38 3.77
C ALA A 124 16.12 -3.08 3.00
N ALA A 125 17.11 -2.30 2.60
CA ALA A 125 18.25 -2.82 1.88
C ALA A 125 19.35 -3.22 2.87
N GLU A 126 19.19 -2.79 4.13
CA GLU A 126 20.20 -3.02 5.17
C GLU A 126 19.86 -4.21 6.01
N LEU A 127 20.86 -4.66 6.75
CA LEU A 127 20.76 -5.71 7.78
C LEU A 127 20.34 -6.99 7.15
N GLU A 128 19.15 -7.45 7.45
CA GLU A 128 18.60 -8.62 6.84
C GLU A 128 18.32 -8.38 5.35
N GLY A 129 18.01 -7.15 4.95
CA GLY A 129 17.81 -6.92 3.52
C GLY A 129 19.09 -6.88 2.66
N GLY A 130 20.26 -6.75 3.29
CA GLY A 130 21.54 -6.79 2.56
C GLY A 130 21.59 -7.81 1.39
N PRO A 131 21.65 -9.12 1.72
CA PRO A 131 21.64 -10.27 0.78
C PRO A 131 20.25 -10.73 0.27
N ARG A 132 19.17 -10.05 0.70
CA ARG A 132 17.78 -10.53 0.47
C ARG A 132 17.01 -9.32 0.00
N PRO A 133 17.38 -8.77 -1.15
CA PRO A 133 16.94 -7.39 -1.38
C PRO A 133 15.41 -7.18 -1.57
N THR A 134 14.65 -8.23 -1.83
CA THR A 134 13.19 -8.11 -2.01
C THR A 134 12.45 -8.69 -0.81
N HIS A 135 13.22 -9.15 0.18
CA HIS A 135 12.56 -9.71 1.35
C HIS A 135 11.52 -8.78 2.02
N PHE A 136 11.90 -7.52 2.25
CA PHE A 136 11.00 -6.72 3.03
C PHE A 136 9.79 -6.18 2.25
N ALA A 137 10.00 -6.01 0.92
CA ALA A 137 8.91 -5.68 0.00
C ALA A 137 7.80 -6.75 0.17
N GLY A 138 8.16 -8.03 0.11
CA GLY A 138 7.20 -9.13 0.40
C GLY A 138 6.42 -9.06 1.70
N VAL A 139 7.14 -8.99 2.81
CA VAL A 139 6.60 -8.78 4.14
C VAL A 139 5.64 -7.60 4.16
N LEU A 140 6.08 -6.41 3.70
CA LEU A 140 5.21 -5.22 3.78
C LEU A 140 3.99 -5.23 2.92
N THR A 141 4.09 -5.91 1.80
CA THR A 141 2.97 -6.10 0.85
C THR A 141 1.96 -7.02 1.53
N VAL A 142 2.43 -8.17 2.08
CA VAL A 142 1.48 -9.05 2.79
C VAL A 142 0.85 -8.40 4.05
N VAL A 143 1.66 -7.75 4.86
CA VAL A 143 1.13 -7.01 5.98
C VAL A 143 0.12 -5.93 5.57
N LEU A 144 0.42 -5.15 4.53
CA LEU A 144 -0.57 -4.18 4.10
C LEU A 144 -1.85 -4.91 3.69
N LYS A 145 -1.71 -5.98 2.97
CA LYS A 145 -2.91 -6.60 2.50
C LYS A 145 -3.74 -7.11 3.69
N LEU A 146 -3.10 -7.81 4.65
CA LEU A 146 -3.78 -8.23 5.91
C LEU A 146 -4.37 -7.05 6.66
N LEU A 147 -3.64 -5.96 6.75
CA LEU A 147 -4.23 -4.82 7.39
C LEU A 147 -5.49 -4.34 6.69
N GLN A 148 -5.53 -4.45 5.35
CA GLN A 148 -6.68 -4.09 4.54
C GLN A 148 -7.82 -5.06 4.60
N ILE A 149 -7.52 -6.34 4.62
CA ILE A 149 -8.56 -7.35 4.76
C ILE A 149 -9.29 -7.30 6.09
N VAL A 150 -8.51 -7.27 7.18
CA VAL A 150 -9.03 -7.41 8.54
C VAL A 150 -9.40 -6.06 9.19
N ARG A 151 -8.71 -5.00 8.80
CA ARG A 151 -8.90 -3.66 9.34
C ARG A 151 -8.88 -3.62 10.85
N PRO A 152 -7.79 -4.08 11.48
CA PRO A 152 -7.75 -3.99 12.96
C PRO A 152 -7.58 -2.58 13.50
N ASP A 153 -7.83 -2.43 14.79
CA ASP A 153 -7.52 -1.24 15.55
C ASP A 153 -6.05 -1.25 15.86
N ARG A 154 -5.54 -2.39 16.27
CA ARG A 154 -4.14 -2.62 16.59
C ARG A 154 -3.54 -3.91 15.95
N VAL A 155 -2.25 -3.85 15.71
CA VAL A 155 -1.50 -4.94 15.10
C VAL A 155 -0.26 -5.19 15.94
N PHE A 156 0.01 -6.47 16.18
CA PHE A 156 0.93 -6.89 17.21
C PHE A 156 2.02 -7.59 16.54
N PHE A 157 3.25 -7.10 16.77
CA PHE A 157 4.44 -7.83 16.35
C PHE A 157 5.47 -8.04 17.49
N GLY A 158 6.30 -9.06 17.41
CA GLY A 158 7.44 -9.20 18.29
C GLY A 158 8.56 -8.21 18.02
N GLU A 159 9.45 -8.04 18.99
CA GLU A 159 10.70 -7.28 18.73
C GLU A 159 11.77 -8.23 18.34
N LYS A 160 11.43 -9.51 18.28
CA LYS A 160 12.38 -10.45 17.74
C LYS A 160 12.73 -9.93 16.34
N ASP A 161 11.71 -9.74 15.49
CA ASP A 161 12.02 -9.22 14.18
C ASP A 161 11.91 -7.72 14.21
N TYR A 162 12.99 -7.12 14.67
CA TYR A 162 12.98 -5.72 15.06
C TYR A 162 13.03 -4.83 13.86
N GLN A 163 13.78 -5.24 12.85
CA GLN A 163 13.87 -4.46 11.61
C GLN A 163 12.53 -4.45 10.83
N GLN A 164 11.88 -5.59 10.83
CA GLN A 164 10.57 -5.73 10.29
C GLN A 164 9.56 -4.81 11.01
N LEU A 165 9.64 -4.77 12.35
CA LEU A 165 8.78 -3.97 13.16
C LEU A 165 8.94 -2.48 12.84
N VAL A 166 10.17 -1.99 12.62
CA VAL A 166 10.42 -0.60 12.29
C VAL A 166 9.84 -0.33 10.87
N LEU A 167 10.09 -1.26 9.92
CA LEU A 167 9.62 -1.08 8.52
C LEU A 167 8.14 -1.05 8.53
N ILE A 168 7.53 -1.87 9.35
CA ILE A 168 6.10 -1.79 9.60
C ILE A 168 5.57 -0.49 10.18
N ARG A 169 6.27 0.11 11.13
CA ARG A 169 5.89 1.41 11.65
C ARG A 169 5.96 2.45 10.55
N GLN A 170 6.95 2.29 9.67
CA GLN A 170 7.15 3.16 8.48
C GLN A 170 6.01 3.03 7.46
N LEU A 171 5.68 1.78 7.16
CA LEU A 171 4.59 1.44 6.26
C LEU A 171 3.36 2.12 6.73
N VAL A 172 3.05 1.95 8.00
CA VAL A 172 1.86 2.49 8.64
C VAL A 172 1.85 4.04 8.64
N ALA A 173 2.99 4.69 8.97
CA ALA A 173 3.12 6.18 8.89
C ALA A 173 3.05 6.75 7.48
N ASP A 174 3.82 6.15 6.58
CA ASP A 174 3.91 6.60 5.20
C ASP A 174 2.65 6.44 4.36
N PHE A 175 1.79 5.45 4.68
CA PHE A 175 0.55 5.24 3.98
C PHE A 175 -0.63 5.72 4.78
N ASN A 176 -0.38 6.39 5.94
CA ASN A 176 -1.48 6.98 6.73
C ASN A 176 -2.44 5.84 7.15
N LEU A 177 -1.92 4.70 7.57
CA LEU A 177 -2.81 3.58 7.97
C LEU A 177 -3.33 3.86 9.36
N ASP A 178 -4.63 3.67 9.54
CA ASP A 178 -5.26 4.00 10.77
C ASP A 178 -5.20 2.73 11.62
N VAL A 179 -4.03 2.42 12.19
CA VAL A 179 -3.90 1.22 13.04
C VAL A 179 -2.72 1.50 13.96
N ALA A 180 -2.82 1.07 15.21
CA ALA A 180 -1.66 1.20 16.14
C ALA A 180 -0.78 -0.03 16.04
N VAL A 181 0.50 0.20 15.82
CA VAL A 181 1.43 -0.90 15.87
C VAL A 181 1.96 -1.18 17.29
N VAL A 182 1.70 -2.40 17.79
CA VAL A 182 2.21 -2.81 19.10
C VAL A 182 3.42 -3.74 18.99
N GLY A 183 4.61 -3.25 19.31
CA GLY A 183 5.73 -4.17 19.51
C GLY A 183 5.64 -4.82 20.89
N VAL A 184 5.94 -6.12 20.98
CA VAL A 184 5.84 -6.89 22.23
C VAL A 184 7.21 -7.49 22.51
N PRO A 185 7.77 -7.24 23.75
CA PRO A 185 9.13 -7.74 24.07
C PRO A 185 9.30 -9.23 23.80
N THR A 186 10.48 -9.62 23.33
CA THR A 186 10.80 -10.96 22.85
C THR A 186 10.71 -11.98 23.98
N VAL A 187 10.00 -13.07 23.73
CA VAL A 187 9.79 -14.12 24.72
C VAL A 187 11.00 -14.98 24.55
N ARG A 188 11.55 -15.46 25.66
CA ARG A 188 12.86 -16.07 25.63
C ARG A 188 12.84 -17.41 26.36
N GLU A 189 13.68 -18.35 25.92
CA GLU A 189 13.87 -19.61 26.64
C GLU A 189 14.45 -19.29 28.04
N ALA A 190 14.65 -20.31 28.88
CA ALA A 190 15.06 -20.10 30.31
C ALA A 190 16.51 -19.58 30.41
N ASP A 191 17.37 -20.10 29.55
CA ASP A 191 18.69 -19.54 29.37
C ASP A 191 18.77 -18.14 28.72
N GLY A 192 17.69 -17.63 28.11
CA GLY A 192 17.78 -16.38 27.29
C GLY A 192 17.63 -16.46 25.73
N LEU A 193 17.66 -17.66 25.16
CA LEU A 193 17.51 -17.88 23.73
C LEU A 193 16.14 -17.37 23.29
N ALA A 194 16.16 -16.49 22.31
CA ALA A 194 14.98 -15.81 21.82
C ALA A 194 14.16 -16.87 21.13
N MET A 195 12.88 -16.96 21.48
CA MET A 195 11.93 -17.83 20.77
C MET A 195 11.97 -17.68 19.25
N SER A 196 11.97 -18.80 18.54
CA SER A 196 11.99 -18.81 17.10
C SER A 196 11.57 -20.20 16.68
N SER A 197 10.80 -20.25 15.61
CA SER A 197 10.49 -21.49 14.91
C SER A 197 11.78 -22.12 14.38
N ARG A 198 12.73 -21.27 13.98
CA ARG A 198 14.02 -21.70 13.44
CA ARG A 198 14.01 -21.71 13.44
C ARG A 198 14.90 -22.46 14.46
N ASN A 199 14.46 -22.49 15.72
CA ASN A 199 15.22 -23.11 16.82
C ASN A 199 15.21 -24.63 16.75
N ARG A 200 14.04 -25.19 16.42
CA ARG A 200 13.84 -26.63 16.19
C ARG A 200 14.97 -27.25 15.34
N TYR A 201 15.63 -26.44 14.50
CA TYR A 201 16.65 -26.92 13.57
C TYR A 201 18.04 -26.81 14.14
N LEU A 202 18.13 -26.74 15.48
CA LEU A 202 19.41 -26.77 16.23
C LEU A 202 19.55 -28.07 16.98
N ASP A 203 20.57 -28.85 16.60
CA ASP A 203 20.95 -30.03 17.37
C ASP A 203 21.39 -29.62 18.77
N PRO A 204 21.36 -30.54 19.76
CA PRO A 204 21.73 -30.22 21.13
C PRO A 204 22.94 -29.27 21.24
N ALA A 205 24.06 -29.62 20.58
CA ALA A 205 25.33 -28.88 20.66
C ALA A 205 25.14 -27.42 20.30
N GLN A 206 24.47 -27.20 19.15
CA GLN A 206 24.01 -25.90 18.68
C GLN A 206 23.02 -25.26 19.69
N ARG A 207 22.06 -26.01 20.21
CA ARG A 207 21.11 -25.39 21.14
C ARG A 207 21.84 -24.72 22.33
N ALA A 208 22.92 -25.38 22.77
CA ALA A 208 23.76 -24.92 23.86
C ALA A 208 24.69 -23.74 23.45
N ALA A 209 25.11 -23.68 22.20
CA ALA A 209 25.97 -22.59 21.76
C ALA A 209 25.12 -21.36 21.52
N ALA A 210 23.84 -21.61 21.16
CA ALA A 210 22.84 -20.58 20.80
C ALA A 210 22.59 -19.52 21.88
N VAL A 211 22.70 -19.93 23.14
CA VAL A 211 22.64 -19.04 24.27
C VAL A 211 23.65 -17.86 24.15
N ALA A 212 24.70 -18.05 23.39
CA ALA A 212 25.66 -17.02 23.23
C ALA A 212 25.06 -15.72 22.67
N LEU A 213 24.00 -15.78 21.87
CA LEU A 213 23.49 -14.51 21.34
C LEU A 213 22.87 -13.67 22.42
N SER A 214 21.90 -14.22 23.18
CA SER A 214 21.26 -13.46 24.25
C SER A 214 22.27 -13.00 25.32
N ALA A 215 23.32 -13.80 25.56
CA ALA A 215 24.37 -13.49 26.56
C ALA A 215 25.26 -12.31 26.12
N ALA A 216 25.65 -12.32 24.85
CA ALA A 216 26.46 -11.24 24.29
C ALA A 216 25.70 -9.93 24.37
N LEU A 217 24.39 -10.00 24.16
CA LEU A 217 23.64 -8.78 24.05
C LEU A 217 23.36 -8.25 25.42
N THR A 218 23.07 -9.16 26.37
CA THR A 218 22.76 -8.77 27.76
C THR A 218 24.04 -8.24 28.41
N ALA A 219 25.18 -8.86 28.10
CA ALA A 219 26.54 -8.34 28.45
C ALA A 219 26.79 -6.91 27.94
N ALA A 220 26.56 -6.68 26.65
CA ALA A 220 26.77 -5.34 26.06
C ALA A 220 25.85 -4.36 26.66
N ALA A 221 24.61 -4.76 27.00
CA ALA A 221 23.72 -3.74 27.59
C ALA A 221 24.19 -3.30 28.98
N HIS A 222 24.94 -4.20 29.67
CA HIS A 222 25.56 -3.83 30.99
C HIS A 222 26.95 -3.18 30.84
N ALA A 223 27.64 -3.52 29.76
CA ALA A 223 28.94 -2.91 29.47
C ALA A 223 28.81 -1.42 29.04
N ALA A 224 27.61 -1.04 28.67
CA ALA A 224 27.33 0.16 27.93
C ALA A 224 27.48 1.43 28.78
N THR A 225 27.42 1.35 30.10
CA THR A 225 27.73 2.46 31.01
C THR A 225 29.10 3.01 30.68
N ALA A 226 30.02 2.13 30.22
CA ALA A 226 31.34 2.51 29.79
C ALA A 226 31.36 2.91 28.29
N GLY A 227 30.18 3.00 27.64
CA GLY A 227 30.17 3.48 26.22
C GLY A 227 29.85 2.42 25.17
N ALA A 228 29.74 2.87 23.92
CA ALA A 228 29.43 2.03 22.76
C ALA A 228 30.56 1.07 22.42
N GLN A 229 31.79 1.56 22.38
CA GLN A 229 32.85 0.63 22.09
C GLN A 229 32.87 -0.52 23.09
N ALA A 230 32.73 -0.23 24.38
CA ALA A 230 32.79 -1.34 25.32
C ALA A 230 31.56 -2.25 25.27
N ALA A 231 30.39 -1.71 24.96
CA ALA A 231 29.20 -2.55 24.81
C ALA A 231 29.39 -3.46 23.60
N LEU A 232 29.95 -2.89 22.54
CA LEU A 232 30.32 -3.74 21.37
C LEU A 232 31.40 -4.79 21.57
N ASP A 233 32.50 -4.39 22.17
CA ASP A 233 33.57 -5.31 22.49
C ASP A 233 33.09 -6.42 23.43
N ALA A 234 32.19 -6.10 24.35
CA ALA A 234 31.67 -7.10 25.28
C ALA A 234 30.82 -8.19 24.55
N ALA A 235 30.02 -7.78 23.56
CA ALA A 235 29.19 -8.69 22.76
C ALA A 235 30.07 -9.58 21.95
N ARG A 236 31.04 -8.97 21.31
CA ARG A 236 31.88 -9.65 20.36
C ARG A 236 32.66 -10.72 21.10
N ALA A 237 32.99 -10.45 22.37
CA ALA A 237 33.90 -11.30 23.11
C ALA A 237 33.16 -12.58 23.47
N VAL A 238 31.92 -12.44 23.89
CA VAL A 238 31.03 -13.55 24.12
C VAL A 238 30.75 -14.36 22.85
N LEU A 239 30.44 -13.70 21.74
CA LEU A 239 30.25 -14.46 20.49
C LEU A 239 31.50 -15.25 20.16
N ASP A 240 32.65 -14.59 20.19
CA ASP A 240 33.97 -15.25 20.06
C ASP A 240 34.17 -16.46 21.01
N ALA A 241 33.76 -16.37 22.27
CA ALA A 241 33.99 -17.46 23.21
C ALA A 241 33.16 -18.73 22.89
N ALA A 242 32.18 -18.57 21.98
CA ALA A 242 31.11 -19.56 21.69
C ALA A 242 31.40 -20.43 20.48
N PRO A 243 31.21 -21.76 20.67
CA PRO A 243 31.43 -22.87 19.71
C PRO A 243 30.54 -22.84 18.45
N GLY A 244 31.19 -22.62 17.31
CA GLY A 244 30.48 -22.65 16.00
C GLY A 244 29.24 -21.80 16.05
N VAL A 245 29.42 -20.59 16.56
CA VAL A 245 28.63 -19.45 16.16
C VAL A 245 29.49 -18.65 15.15
N ALA A 246 28.99 -18.54 13.93
CA ALA A 246 29.55 -17.66 12.93
C ALA A 246 28.70 -16.37 12.78
N VAL A 247 29.31 -15.24 13.14
CA VAL A 247 28.55 -14.01 13.17
C VAL A 247 28.37 -13.49 11.74
N ASP A 248 27.12 -13.28 11.33
N ASP A 248 27.12 -13.21 11.37
CA ASP A 248 26.86 -12.47 10.17
CA ASP A 248 26.75 -12.48 10.16
C ASP A 248 27.19 -11.04 10.57
C ASP A 248 26.95 -10.98 10.35
N TYR A 249 26.31 -10.41 11.37
CA TYR A 249 26.53 -9.01 11.74
C TYR A 249 26.36 -8.78 13.24
N LEU A 250 27.00 -7.75 13.75
CA LEU A 250 26.70 -7.24 15.07
C LEU A 250 26.72 -5.72 15.04
N GLU A 251 25.58 -5.09 15.34
CA GLU A 251 25.42 -3.71 14.98
C GLU A 251 24.61 -2.94 15.93
N LEU A 252 25.11 -1.75 16.17
CA LEU A 252 24.55 -0.91 17.14
C LEU A 252 23.95 0.23 16.38
N ARG A 253 22.66 0.42 16.57
CA ARG A 253 21.95 1.47 15.90
C ARG A 253 21.10 2.23 16.85
N ASP A 254 20.56 3.33 16.35
CA ASP A 254 19.50 4.05 17.04
C ASP A 254 18.12 3.26 17.07
N ILE A 255 17.13 3.70 17.81
CA ILE A 255 16.00 2.79 17.99
C ILE A 255 15.15 2.61 16.74
N GLY A 256 15.24 3.59 15.84
CA GLY A 256 14.53 3.59 14.59
C GLY A 256 15.42 3.04 13.48
N LEU A 257 16.44 2.27 13.87
CA LEU A 257 17.47 1.66 12.99
C LEU A 257 18.22 2.59 12.05
N GLY A 258 18.14 3.88 12.36
CA GLY A 258 19.04 4.84 11.77
C GLY A 258 20.41 4.85 12.42
N PRO A 259 21.01 6.06 12.49
CA PRO A 259 22.36 6.43 12.93
C PRO A 259 22.99 5.62 14.06
N MET A 260 22.60 6.00 15.29
CA MET A 260 23.23 5.69 16.61
C MET A 260 24.19 6.80 17.02
N PRO A 261 23.68 7.79 17.81
CA PRO A 261 24.48 8.93 18.27
C PRO A 261 25.52 8.54 19.32
N LEU A 262 26.21 9.53 19.88
CA LEU A 262 26.90 9.40 21.14
C LEU A 262 25.92 8.94 22.25
N ASN A 263 24.84 8.31 21.80
CA ASN A 263 23.50 8.42 22.40
C ASN A 263 23.34 7.82 23.77
N GLY A 264 22.09 7.75 24.20
CA GLY A 264 21.69 6.88 25.26
C GLY A 264 21.03 5.83 24.42
N SER A 265 19.72 5.85 24.41
CA SER A 265 18.91 4.83 23.77
C SER A 265 19.22 4.42 22.31
N GLY A 266 19.46 3.11 22.18
CA GLY A 266 19.83 2.48 20.92
C GLY A 266 19.38 1.03 20.87
N ARG A 267 19.77 0.34 19.81
CA ARG A 267 19.35 -1.00 19.65
C ARG A 267 20.51 -1.73 19.14
N LEU A 268 20.80 -2.85 19.79
CA LEU A 268 21.89 -3.73 19.37
C LEU A 268 21.34 -4.96 18.70
N LEU A 269 21.85 -5.29 17.51
CA LEU A 269 21.28 -6.37 16.68
C LEU A 269 22.40 -7.32 16.29
N VAL A 270 22.09 -8.60 16.36
CA VAL A 270 23.05 -9.63 15.99
C VAL A 270 22.32 -10.59 15.02
N ALA A 271 23.05 -11.11 14.03
CA ALA A 271 22.61 -12.22 13.25
C ALA A 271 23.79 -13.18 13.19
N ALA A 272 23.51 -14.47 13.38
CA ALA A 272 24.58 -15.49 13.37
C ALA A 272 24.05 -16.84 12.82
N ARG A 273 24.96 -17.69 12.35
CA ARG A 273 24.64 -19.06 11.85
C ARG A 273 25.21 -20.09 12.80
N LEU A 274 24.39 -21.10 13.09
CA LEU A 274 24.79 -22.30 13.80
C LEU A 274 24.59 -23.53 12.90
N GLY A 275 25.65 -23.88 12.17
CA GLY A 275 25.54 -24.84 11.09
C GLY A 275 24.85 -24.06 9.98
N THR A 276 23.63 -24.49 9.71
CA THR A 276 22.87 -23.96 8.56
C THR A 276 21.78 -22.97 8.98
N THR A 277 21.47 -23.05 10.30
CA THR A 277 20.44 -22.27 11.03
C THR A 277 20.84 -20.85 11.42
N ARG A 278 20.09 -19.89 10.89
CA ARG A 278 20.43 -18.53 11.05
C ARG A 278 19.58 -17.94 12.19
N LEU A 279 20.28 -17.48 13.23
CA LEU A 279 19.64 -16.97 14.43
C LEU A 279 19.78 -15.48 14.48
N LEU A 280 18.68 -14.83 14.81
CA LEU A 280 18.61 -13.38 14.90
C LEU A 280 18.36 -13.05 16.36
N ASP A 281 18.85 -11.89 16.79
CA ASP A 281 18.49 -11.38 18.10
C ASP A 281 18.82 -9.89 18.23
N ASN A 282 18.21 -9.25 19.21
CA ASN A 282 18.40 -7.82 19.41
C ASN A 282 17.98 -7.43 20.81
N ILE A 283 18.50 -6.27 21.27
CA ILE A 283 18.21 -5.76 22.59
C ILE A 283 18.22 -4.21 22.65
N ALA A 284 17.44 -3.62 23.53
CA ALA A 284 17.59 -2.20 23.94
C ALA A 284 18.89 -2.01 24.64
N ILE A 285 19.60 -0.95 24.27
CA ILE A 285 20.90 -0.61 24.87
C ILE A 285 20.77 0.90 25.22
N GLU A 286 21.15 1.28 26.43
CA GLU A 286 21.36 2.71 26.77
C GLU A 286 22.83 3.05 26.95
N ILE A 287 23.36 3.96 26.15
CA ILE A 287 24.82 4.19 26.13
C ILE A 287 25.13 5.22 27.18
N GLY A 288 26.01 4.86 28.12
CA GLY A 288 26.08 5.48 29.44
C GLY A 288 26.94 6.72 29.54
N THR A 289 28.12 6.70 28.92
CA THR A 289 29.06 7.86 29.03
C THR A 289 28.74 9.01 28.07
N ALA B 2 -11.73 15.85 20.69
CA ALA B 2 -12.84 16.48 19.90
C ALA B 2 -12.64 16.31 18.38
N ILE B 3 -13.75 16.27 17.65
CA ILE B 3 -13.79 16.19 16.16
C ILE B 3 -13.72 17.62 15.62
N PRO B 4 -13.02 17.84 14.48
CA PRO B 4 -12.94 19.23 13.99
C PRO B 4 -14.29 19.81 13.57
N ALA B 5 -14.36 21.14 13.58
CA ALA B 5 -15.57 21.83 13.20
C ALA B 5 -15.99 21.39 11.77
N PHE B 6 -17.23 20.94 11.63
CA PHE B 6 -17.84 20.65 10.33
C PHE B 6 -19.22 21.26 10.23
N HIS B 7 -19.35 22.21 9.30
CA HIS B 7 -20.61 22.91 9.05
C HIS B 7 -21.30 22.30 7.82
N PRO B 8 -22.37 21.49 8.04
CA PRO B 8 -23.12 20.85 6.95
C PRO B 8 -23.65 21.87 5.96
N GLY B 9 -23.66 21.53 4.69
CA GLY B 9 -24.08 22.46 3.65
C GLY B 9 -23.10 23.54 3.22
N GLU B 10 -21.93 23.63 3.86
CA GLU B 10 -20.94 24.62 3.44
C GLU B 10 -19.67 23.90 3.01
N LEU B 11 -18.74 24.64 2.39
CA LEU B 11 -17.41 24.11 2.06
C LEU B 11 -16.46 24.28 3.22
N ASN B 12 -16.11 23.16 3.83
CA ASN B 12 -15.24 23.09 4.96
C ASN B 12 -13.89 22.62 4.42
N VAL B 13 -12.89 23.47 4.52
CA VAL B 13 -11.53 23.18 4.08
C VAL B 13 -10.64 22.71 5.24
N TYR B 14 -9.90 21.60 5.01
CA TYR B 14 -8.93 21.08 5.93
C TYR B 14 -7.65 20.92 5.17
N SER B 15 -6.57 21.31 5.81
CA SER B 15 -5.27 21.03 5.28
C SER B 15 -4.64 19.90 6.00
N ALA B 16 -5.06 19.67 7.24
CA ALA B 16 -4.45 18.65 8.06
C ALA B 16 -5.05 17.26 7.81
N PRO B 17 -4.21 16.27 7.37
CA PRO B 17 -4.66 14.89 7.10
C PRO B 17 -5.49 14.33 8.25
N GLY B 18 -5.00 14.51 9.49
CA GLY B 18 -5.71 14.13 10.70
C GLY B 18 -7.11 14.71 10.80
N ASP B 19 -7.23 16.01 10.55
CA ASP B 19 -8.56 16.66 10.62
C ASP B 19 -9.56 16.10 9.64
N VAL B 20 -9.21 16.11 8.36
CA VAL B 20 -10.09 15.46 7.38
C VAL B 20 -10.36 13.97 7.70
N ALA B 21 -9.40 13.22 8.26
CA ALA B 21 -9.72 11.83 8.70
C ALA B 21 -10.82 11.75 9.76
N ASP B 22 -10.82 12.71 10.71
CA ASP B 22 -11.73 12.61 11.87
C ASP B 22 -13.10 13.04 11.36
N VAL B 23 -13.11 14.07 10.53
CA VAL B 23 -14.39 14.45 9.88
C VAL B 23 -15.05 13.32 9.07
N SER B 24 -14.33 12.72 8.15
CA SER B 24 -14.93 11.65 7.33
C SER B 24 -15.42 10.47 8.19
N ARG B 25 -14.59 9.97 9.13
CA ARG B 25 -15.00 8.88 10.08
C ARG B 25 -16.19 9.31 10.94
N ALA B 26 -16.23 10.56 11.38
CA ALA B 26 -17.44 11.06 12.08
C ALA B 26 -18.68 11.11 11.15
N LEU B 27 -18.43 11.36 9.86
CA LEU B 27 -19.52 11.45 8.91
C LEU B 27 -20.01 10.06 8.50
N ARG B 28 -19.07 9.14 8.29
CA ARG B 28 -19.46 7.79 7.92
C ARG B 28 -20.45 7.24 8.95
N LEU B 29 -20.20 7.46 10.24
CA LEU B 29 -21.05 6.97 11.35
C LEU B 29 -22.44 7.63 11.43
N THR B 30 -22.54 8.90 11.03
CA THR B 30 -23.84 9.56 10.99
C THR B 30 -24.72 9.12 9.82
N GLY B 31 -24.29 8.08 9.11
CA GLY B 31 -24.93 7.66 7.86
C GLY B 31 -24.71 8.50 6.59
N ARG B 32 -23.55 9.16 6.44
CA ARG B 32 -23.21 9.72 5.13
C ARG B 32 -22.30 8.77 4.39
N ARG B 33 -22.42 8.73 3.07
CA ARG B 33 -21.51 7.95 2.27
C ARG B 33 -20.46 8.96 1.77
N VAL B 34 -19.19 8.71 2.09
CA VAL B 34 -18.05 9.56 1.73
C VAL B 34 -17.52 9.23 0.32
N MET B 35 -17.53 10.23 -0.53
CA MET B 35 -17.16 10.09 -1.91
C MET B 35 -15.89 10.88 -2.08
N LEU B 36 -14.85 10.27 -2.68
CA LEU B 36 -13.64 11.08 -2.92
C LEU B 36 -13.39 11.41 -4.38
N VAL B 37 -13.08 12.70 -4.61
CA VAL B 37 -12.76 13.22 -5.92
C VAL B 37 -11.35 13.84 -5.84
N PRO B 38 -10.34 13.06 -6.23
CA PRO B 38 -8.99 13.65 -6.08
C PRO B 38 -8.60 14.50 -7.24
N THR B 39 -8.07 15.67 -6.98
CA THR B 39 -7.60 16.51 -8.08
C THR B 39 -6.32 17.19 -7.73
N MET B 40 -5.71 17.77 -8.76
CA MET B 40 -4.53 18.59 -8.59
C MET B 40 -4.85 20.09 -8.77
N GLY B 41 -6.06 20.50 -8.42
CA GLY B 41 -6.49 21.91 -8.64
C GLY B 41 -6.58 22.33 -10.12
N ALA B 42 -6.64 23.66 -10.36
CA ALA B 42 -6.91 24.25 -11.66
C ALA B 42 -8.13 23.56 -12.22
N LEU B 43 -9.27 23.71 -11.55
CA LEU B 43 -10.46 22.91 -11.84
C LEU B 43 -11.21 23.28 -13.14
N HIS B 44 -11.52 22.30 -13.99
CA HIS B 44 -12.34 22.57 -15.15
C HIS B 44 -13.63 21.76 -15.14
N GLU B 45 -14.32 21.70 -16.28
CA GLU B 45 -15.59 21.07 -16.28
C GLU B 45 -15.45 19.58 -16.00
N GLY B 46 -14.27 19.04 -16.30
CA GLY B 46 -13.95 17.62 -16.13
C GLY B 46 -14.05 17.22 -14.68
N HIS B 47 -13.48 18.05 -13.81
CA HIS B 47 -13.58 17.91 -12.37
C HIS B 47 -15.02 18.09 -11.84
N LEU B 48 -15.79 19.01 -12.41
CA LEU B 48 -17.12 19.25 -11.90
C LEU B 48 -18.03 18.11 -12.26
N ALA B 49 -17.75 17.51 -13.41
CA ALA B 49 -18.46 16.28 -13.73
C ALA B 49 -18.12 15.15 -12.77
N LEU B 50 -16.88 15.09 -12.25
CA LEU B 50 -16.50 14.07 -11.19
C LEU B 50 -17.26 14.31 -9.87
N VAL B 51 -17.20 15.56 -9.45
CA VAL B 51 -18.08 16.08 -8.45
C VAL B 51 -19.60 15.79 -8.58
N ARG B 52 -20.20 16.06 -9.77
CA ARG B 52 -21.65 15.82 -9.99
C ARG B 52 -22.03 14.39 -9.88
N ALA B 53 -21.22 13.51 -10.45
CA ALA B 53 -21.30 12.04 -10.25
C ALA B 53 -21.15 11.67 -8.77
N ALA B 54 -20.23 12.28 -8.05
CA ALA B 54 -20.16 11.90 -6.64
C ALA B 54 -21.39 12.45 -5.87
N LYS B 55 -21.81 13.68 -6.18
CA LYS B 55 -23.02 14.24 -5.57
C LYS B 55 -24.25 13.34 -5.70
N ARG B 56 -24.49 12.74 -6.84
CA ARG B 56 -25.74 12.02 -6.99
C ARG B 56 -25.89 10.67 -6.26
N VAL B 57 -24.88 10.24 -5.53
CA VAL B 57 -25.03 9.09 -4.64
C VAL B 57 -25.88 9.56 -3.40
N PRO B 58 -27.02 8.88 -3.13
CA PRO B 58 -27.84 9.12 -1.97
C PRO B 58 -27.04 9.20 -0.65
N GLY B 59 -27.18 10.33 0.01
CA GLY B 59 -26.49 10.57 1.28
C GLY B 59 -25.00 10.79 1.16
N SER B 60 -24.51 11.03 -0.05
CA SER B 60 -23.12 11.37 -0.31
C SER B 60 -22.63 12.62 0.45
N VAL B 61 -21.45 12.57 1.06
CA VAL B 61 -20.74 13.80 1.31
C VAL B 61 -19.46 13.80 0.45
N VAL B 62 -19.19 14.94 -0.19
CA VAL B 62 -18.16 15.01 -1.22
C VAL B 62 -16.87 15.56 -0.65
N VAL B 63 -15.80 14.79 -0.86
CA VAL B 63 -14.48 15.28 -0.55
C VAL B 63 -13.71 15.46 -1.83
N VAL B 64 -13.19 16.67 -2.06
CA VAL B 64 -12.41 16.99 -3.23
C VAL B 64 -11.05 17.29 -2.71
N SER B 65 -10.06 16.47 -3.00
CA SER B 65 -8.77 16.77 -2.47
C SER B 65 -8.14 17.65 -3.50
N ILE B 66 -7.26 18.54 -3.11
CA ILE B 66 -6.54 19.42 -4.03
C ILE B 66 -5.11 19.28 -3.62
N PHE B 67 -4.26 18.73 -4.46
CA PHE B 67 -2.91 18.48 -4.05
C PHE B 67 -2.00 18.24 -5.23
N VAL B 68 -1.06 19.16 -5.42
CA VAL B 68 -0.09 19.03 -6.46
C VAL B 68 0.95 18.05 -5.97
N ASN B 69 0.95 16.89 -6.62
CA ASN B 69 1.92 15.84 -6.33
C ASN B 69 3.23 16.27 -6.93
N PRO B 70 4.31 16.37 -6.09
CA PRO B 70 5.66 16.59 -6.64
C PRO B 70 6.44 15.28 -6.97
N MET B 71 5.75 14.14 -6.76
CA MET B 71 6.25 12.78 -7.02
C MET B 71 5.68 12.25 -8.35
N GLN B 72 4.48 12.73 -8.72
CA GLN B 72 3.93 12.54 -10.06
C GLN B 72 4.19 13.78 -10.94
N PHE B 73 4.25 13.56 -12.26
CA PHE B 73 4.64 14.63 -13.21
C PHE B 73 3.45 15.46 -13.74
N PRO B 83 0.35 27.40 -11.94
CA PRO B 83 -0.51 26.17 -11.91
C PRO B 83 -1.29 26.04 -10.58
N ARG B 84 -1.36 27.15 -9.85
CA ARG B 84 -2.13 27.26 -8.61
C ARG B 84 -3.18 28.37 -8.79
N THR B 85 -4.43 28.07 -8.41
CA THR B 85 -5.55 29.04 -8.34
C THR B 85 -6.47 28.82 -7.11
N PRO B 86 -5.89 28.80 -5.87
CA PRO B 86 -6.60 28.35 -4.66
C PRO B 86 -7.98 28.96 -4.40
N ASP B 87 -8.10 30.28 -4.50
CA ASP B 87 -9.36 30.97 -4.18
C ASP B 87 -10.51 30.72 -5.19
N ASP B 88 -10.14 30.56 -6.47
CA ASP B 88 -11.11 30.25 -7.54
C ASP B 88 -11.59 28.77 -7.52
N ASP B 89 -10.63 27.85 -7.37
CA ASP B 89 -10.95 26.44 -7.21
C ASP B 89 -12.00 26.27 -6.12
N LEU B 90 -11.71 26.77 -4.92
CA LEU B 90 -12.68 26.78 -3.79
C LEU B 90 -14.08 27.44 -4.08
N ALA B 91 -14.11 28.53 -4.86
CA ALA B 91 -15.39 29.08 -5.34
C ALA B 91 -16.20 28.14 -6.26
N GLN B 92 -15.50 27.40 -7.14
CA GLN B 92 -16.16 26.38 -7.96
C GLN B 92 -16.76 25.22 -7.18
N LEU B 93 -16.08 24.81 -6.11
CA LEU B 93 -16.52 23.70 -5.26
C LEU B 93 -17.73 24.13 -4.45
N ARG B 94 -17.61 25.32 -3.82
CA ARG B 94 -18.70 25.99 -3.13
C ARG B 94 -19.91 26.05 -4.06
N ALA B 95 -19.70 26.49 -5.31
CA ALA B 95 -20.77 26.54 -6.27
C ALA B 95 -21.25 25.15 -6.78
N GLU B 96 -20.44 24.09 -6.61
CA GLU B 96 -20.97 22.72 -6.82
C GLU B 96 -21.68 22.15 -5.58
N GLY B 97 -21.59 22.87 -4.46
CA GLY B 97 -22.13 22.35 -3.21
C GLY B 97 -21.30 21.20 -2.63
N VAL B 98 -20.00 21.25 -2.83
CA VAL B 98 -19.10 20.33 -2.21
C VAL B 98 -19.02 20.78 -0.75
N GLU B 99 -19.05 19.84 0.19
CA GLU B 99 -18.83 20.13 1.62
C GLU B 99 -17.41 20.01 2.19
N ILE B 100 -16.52 19.26 1.57
CA ILE B 100 -15.15 19.16 2.07
C ILE B 100 -14.16 19.38 0.90
N ALA B 101 -13.18 20.26 1.12
CA ALA B 101 -12.03 20.37 0.30
C ALA B 101 -10.86 20.05 1.24
N PHE B 102 -10.04 19.10 0.84
CA PHE B 102 -8.86 18.70 1.61
C PHE B 102 -7.66 19.25 0.84
N THR B 103 -6.89 20.16 1.42
CA THR B 103 -5.81 20.85 0.66
C THR B 103 -4.45 20.79 1.36
N PRO B 104 -3.88 19.60 1.49
CA PRO B 104 -2.63 19.46 2.28
C PRO B 104 -1.40 20.16 1.69
N THR B 105 -0.48 20.55 2.57
CA THR B 105 0.91 20.86 2.16
C THR B 105 1.67 19.60 1.77
N THR B 106 2.84 19.80 1.17
CA THR B 106 3.75 18.73 0.80
C THR B 106 4.24 18.06 2.08
N ALA B 107 4.51 18.87 3.11
CA ALA B 107 5.11 18.38 4.36
C ALA B 107 4.15 17.51 5.17
N ALA B 108 2.86 17.83 5.04
CA ALA B 108 1.80 17.14 5.73
C ALA B 108 1.58 15.75 5.14
N MET B 109 1.76 15.67 3.81
CA MET B 109 1.57 14.48 3.02
C MET B 109 2.81 13.62 3.00
N TYR B 110 3.98 14.27 2.87
CA TYR B 110 5.27 13.59 2.96
C TYR B 110 6.21 14.07 4.13
N PRO B 111 5.74 13.99 5.41
CA PRO B 111 6.52 14.45 6.58
C PRO B 111 7.85 13.74 6.78
N ASP B 112 8.07 12.65 6.07
CA ASP B 112 9.30 11.89 6.20
C ASP B 112 9.94 11.79 4.86
N GLY B 113 9.54 12.61 3.91
CA GLY B 113 9.98 12.48 2.51
C GLY B 113 9.46 11.21 1.85
N LEU B 114 10.09 10.83 0.74
CA LEU B 114 9.72 9.62 0.10
C LEU B 114 10.41 8.42 0.74
N ARG B 115 9.72 7.80 1.69
CA ARG B 115 10.23 6.57 2.23
C ARG B 115 9.46 5.35 1.61
N THR B 116 8.39 4.88 2.23
CA THR B 116 7.62 3.75 1.67
C THR B 116 6.79 4.27 0.50
N THR B 117 6.85 3.57 -0.63
CA THR B 117 6.05 3.92 -1.80
C THR B 117 5.35 2.67 -2.42
N VAL B 118 4.36 2.91 -3.30
CA VAL B 118 3.73 1.85 -4.07
C VAL B 118 4.57 1.60 -5.31
N GLN B 119 4.93 0.34 -5.56
CA GLN B 119 5.51 -0.01 -6.83
C GLN B 119 4.37 -0.61 -7.71
N PRO B 120 3.95 0.07 -8.83
CA PRO B 120 2.89 -0.48 -9.70
C PRO B 120 3.32 -1.77 -10.37
N GLY B 121 2.39 -2.55 -10.89
CA GLY B 121 2.77 -3.67 -11.81
C GLY B 121 3.31 -3.18 -13.15
N PRO B 122 3.73 -4.10 -14.04
CA PRO B 122 4.42 -3.79 -15.37
C PRO B 122 3.67 -2.81 -16.34
N LEU B 123 2.34 -2.72 -16.25
CA LEU B 123 1.56 -1.68 -17.00
C LEU B 123 1.97 -0.20 -16.77
N ALA B 124 2.55 0.10 -15.60
CA ALA B 124 3.08 1.42 -15.33
C ALA B 124 4.27 1.74 -16.23
N ALA B 125 4.86 0.69 -16.81
CA ALA B 125 6.02 0.84 -17.65
C ALA B 125 5.70 1.14 -19.13
N GLU B 126 4.45 0.93 -19.50
CA GLU B 126 3.97 1.08 -20.85
C GLU B 126 3.26 2.41 -21.10
N LEU B 127 3.13 2.77 -22.38
CA LEU B 127 2.27 3.88 -22.80
C LEU B 127 2.79 5.14 -22.18
N GLU B 128 2.04 5.79 -21.30
CA GLU B 128 2.53 7.00 -20.62
C GLU B 128 3.74 6.81 -19.74
N GLY B 129 4.06 5.57 -19.35
CA GLY B 129 5.24 5.30 -18.54
C GLY B 129 6.53 5.12 -19.32
N GLY B 130 6.42 5.16 -20.63
CA GLY B 130 7.56 5.34 -21.52
C GLY B 130 8.32 6.66 -21.31
N PRO B 131 7.72 7.83 -21.72
CA PRO B 131 8.46 9.05 -21.40
C PRO B 131 8.73 9.15 -19.89
N ARG B 132 7.65 9.17 -19.08
CA ARG B 132 7.71 9.28 -17.61
C ARG B 132 7.67 7.90 -16.90
N PRO B 133 8.85 7.29 -16.63
CA PRO B 133 8.95 5.92 -16.11
C PRO B 133 8.57 5.73 -14.62
N THR B 134 8.59 6.85 -13.89
CA THR B 134 8.27 6.83 -12.48
C THR B 134 6.94 7.52 -12.12
N HIS B 135 6.19 8.02 -13.12
CA HIS B 135 5.01 8.86 -12.87
C HIS B 135 3.86 8.17 -12.10
N PHE B 136 3.62 6.90 -12.38
CA PHE B 136 2.48 6.21 -11.82
C PHE B 136 2.80 5.69 -10.42
N ALA B 137 4.07 5.35 -10.15
CA ALA B 137 4.54 5.16 -8.73
C ALA B 137 4.06 6.32 -7.87
N GLY B 138 4.31 7.55 -8.34
CA GLY B 138 3.92 8.78 -7.63
C GLY B 138 2.42 8.91 -7.47
N VAL B 139 1.69 8.62 -8.54
CA VAL B 139 0.22 8.71 -8.57
C VAL B 139 -0.45 7.66 -7.65
N LEU B 140 -0.05 6.41 -7.77
CA LEU B 140 -0.54 5.35 -6.86
C LEU B 140 -0.23 5.58 -5.37
N THR B 141 0.92 6.21 -5.09
CA THR B 141 1.39 6.46 -3.72
C THR B 141 0.53 7.51 -3.16
N VAL B 142 0.27 8.58 -3.91
CA VAL B 142 -0.58 9.63 -3.29
C VAL B 142 -2.04 9.21 -3.26
N VAL B 143 -2.49 8.34 -4.15
CA VAL B 143 -3.92 8.03 -4.19
C VAL B 143 -4.15 7.04 -3.05
N LEU B 144 -3.28 6.05 -2.89
CA LEU B 144 -3.38 5.14 -1.71
C LEU B 144 -3.45 5.96 -0.42
N LYS B 145 -2.56 6.93 -0.26
CA LYS B 145 -2.56 7.75 0.98
C LYS B 145 -3.82 8.57 1.08
N LEU B 146 -4.37 9.05 -0.04
CA LEU B 146 -5.61 9.81 0.03
C LEU B 146 -6.69 8.86 0.41
N LEU B 147 -6.64 7.64 -0.09
CA LEU B 147 -7.68 6.68 0.30
C LEU B 147 -7.69 6.34 1.82
N GLN B 148 -6.52 6.20 2.41
CA GLN B 148 -6.41 5.88 3.84
C GLN B 148 -6.74 7.06 4.75
N ILE B 149 -6.34 8.28 4.36
CA ILE B 149 -6.80 9.49 5.05
C ILE B 149 -8.30 9.65 5.07
N VAL B 150 -8.93 9.68 3.89
CA VAL B 150 -10.36 10.02 3.76
C VAL B 150 -11.25 8.77 4.00
N ARG B 151 -10.74 7.57 3.74
CA ARG B 151 -11.53 6.33 3.66
C ARG B 151 -12.91 6.54 3.02
N PRO B 152 -12.94 6.74 1.66
CA PRO B 152 -14.18 6.94 0.95
C PRO B 152 -14.88 5.64 0.70
N ASP B 153 -16.19 5.63 0.63
CA ASP B 153 -16.89 4.48 0.06
C ASP B 153 -16.64 4.36 -1.46
N ARG B 154 -16.61 5.51 -2.15
CA ARG B 154 -16.37 5.54 -3.60
C ARG B 154 -15.35 6.64 -3.98
N VAL B 155 -14.50 6.34 -4.98
CA VAL B 155 -13.57 7.31 -5.48
C VAL B 155 -13.77 7.41 -7.01
N PHE B 156 -13.73 8.65 -7.48
CA PHE B 156 -14.15 9.07 -8.82
C PHE B 156 -12.97 9.67 -9.58
N PHE B 157 -12.66 9.06 -10.73
CA PHE B 157 -11.56 9.46 -11.63
C PHE B 157 -12.13 9.61 -13.01
N GLY B 158 -11.59 10.53 -13.82
CA GLY B 158 -12.05 10.68 -15.18
C GLY B 158 -11.47 9.57 -16.00
N GLU B 159 -12.13 9.28 -17.11
CA GLU B 159 -11.57 8.34 -18.13
C GLU B 159 -10.49 8.91 -18.98
N LYS B 160 -10.25 10.21 -18.88
CA LYS B 160 -9.24 10.92 -19.69
C LYS B 160 -7.91 10.20 -19.59
N ASP B 161 -7.43 10.11 -18.35
CA ASP B 161 -6.24 9.32 -17.96
C ASP B 161 -6.64 7.89 -17.63
N TYR B 162 -6.87 7.14 -18.66
CA TYR B 162 -7.38 5.81 -18.59
C TYR B 162 -6.35 4.74 -18.10
N GLN B 163 -5.09 4.91 -18.45
CA GLN B 163 -4.03 4.08 -17.98
C GLN B 163 -3.92 4.24 -16.48
N GLN B 164 -4.12 5.44 -16.03
CA GLN B 164 -4.09 5.71 -14.65
C GLN B 164 -5.27 5.05 -13.92
N LEU B 165 -6.48 5.15 -14.49
CA LEU B 165 -7.64 4.56 -13.90
C LEU B 165 -7.50 3.02 -13.78
N VAL B 166 -7.10 2.37 -14.84
CA VAL B 166 -6.71 0.95 -14.78
C VAL B 166 -5.69 0.61 -13.65
N LEU B 167 -4.66 1.45 -13.45
CA LEU B 167 -3.66 1.20 -12.45
C LEU B 167 -4.22 1.39 -11.06
N ILE B 168 -5.10 2.37 -10.89
N ILE B 168 -5.14 2.33 -10.88
CA ILE B 168 -5.86 2.52 -9.66
CA ILE B 168 -5.85 2.49 -9.61
C ILE B 168 -6.72 1.27 -9.35
C ILE B 168 -6.88 1.37 -9.31
N ARG B 169 -7.47 0.75 -10.34
CA ARG B 169 -8.31 -0.42 -10.09
CA ARG B 169 -8.31 -0.43 -10.15
C ARG B 169 -7.47 -1.63 -9.67
N GLN B 170 -6.28 -1.74 -10.24
CA GLN B 170 -5.30 -2.77 -9.93
C GLN B 170 -4.74 -2.51 -8.52
N LEU B 171 -4.34 -1.26 -8.22
CA LEU B 171 -3.99 -0.84 -6.87
C LEU B 171 -5.00 -1.38 -5.84
N VAL B 172 -6.27 -1.00 -6.03
CA VAL B 172 -7.36 -1.28 -5.15
C VAL B 172 -7.60 -2.78 -4.96
N ALA B 173 -7.45 -3.54 -6.02
CA ALA B 173 -7.73 -4.98 -5.98
C ALA B 173 -6.61 -5.71 -5.26
N ASP B 174 -5.41 -5.35 -5.66
CA ASP B 174 -4.18 -5.95 -5.22
C ASP B 174 -3.93 -5.79 -3.73
N PHE B 175 -4.36 -4.64 -3.16
CA PHE B 175 -4.14 -4.32 -1.78
C PHE B 175 -5.40 -4.55 -0.99
N ASN B 176 -6.41 -5.16 -1.61
CA ASN B 176 -7.70 -5.46 -0.96
C ASN B 176 -8.37 -4.25 -0.36
N LEU B 177 -8.24 -3.11 -1.06
CA LEU B 177 -8.85 -1.88 -0.59
C LEU B 177 -10.36 -1.95 -0.75
N ASP B 178 -11.05 -1.50 0.25
CA ASP B 178 -12.48 -1.75 0.22
C ASP B 178 -13.10 -0.40 -0.10
N VAL B 179 -13.06 -0.05 -1.38
CA VAL B 179 -13.50 1.21 -1.92
C VAL B 179 -13.99 0.88 -3.33
N ALA B 180 -15.07 1.56 -3.72
CA ALA B 180 -15.45 1.50 -5.15
C ALA B 180 -14.69 2.55 -6.00
N VAL B 181 -14.00 2.05 -7.03
CA VAL B 181 -13.48 2.90 -8.10
C VAL B 181 -14.59 3.26 -9.17
N VAL B 182 -14.93 4.55 -9.29
CA VAL B 182 -15.87 4.96 -10.34
C VAL B 182 -15.15 5.76 -11.45
N GLY B 183 -15.20 5.26 -12.70
CA GLY B 183 -14.55 6.06 -13.79
C GLY B 183 -15.60 6.86 -14.55
N VAL B 184 -15.38 8.16 -14.74
CA VAL B 184 -16.41 9.00 -15.27
C VAL B 184 -16.01 9.39 -16.69
N PRO B 185 -16.94 9.19 -17.67
CA PRO B 185 -16.66 9.51 -19.10
C PRO B 185 -16.04 10.91 -19.27
N THR B 186 -14.95 11.01 -20.05
CA THR B 186 -14.30 12.29 -20.35
C THR B 186 -15.27 13.38 -20.88
N VAL B 187 -15.16 14.54 -20.26
CA VAL B 187 -15.77 15.79 -20.66
C VAL B 187 -14.91 16.37 -21.78
N ARG B 188 -15.59 16.70 -22.87
CA ARG B 188 -14.97 17.22 -24.07
C ARG B 188 -15.41 18.66 -24.37
N GLU B 189 -14.58 19.40 -25.09
CA GLU B 189 -15.09 20.64 -25.76
C GLU B 189 -16.10 20.32 -26.85
N ALA B 190 -16.79 21.36 -27.32
CA ALA B 190 -17.84 21.24 -28.33
C ALA B 190 -17.36 20.51 -29.58
N ASP B 191 -16.12 20.75 -29.98
CA ASP B 191 -15.63 19.94 -31.12
C ASP B 191 -15.01 18.55 -30.75
N GLY B 192 -14.99 18.25 -29.45
CA GLY B 192 -14.68 16.90 -28.94
C GLY B 192 -13.29 16.75 -28.35
N LEU B 193 -12.51 17.83 -28.34
CA LEU B 193 -11.24 17.85 -27.62
C LEU B 193 -11.36 17.49 -26.11
N ALA B 194 -10.83 16.33 -25.72
CA ALA B 194 -10.82 16.01 -24.31
C ALA B 194 -10.32 17.23 -23.46
N MET B 195 -11.15 17.67 -22.53
CA MET B 195 -10.75 18.74 -21.59
C MET B 195 -9.45 18.45 -20.86
N SER B 196 -8.68 19.50 -20.66
CA SER B 196 -7.41 19.48 -19.99
C SER B 196 -7.04 20.95 -19.79
N SER B 197 -6.11 21.16 -18.87
CA SER B 197 -5.70 22.50 -18.51
C SER B 197 -4.59 22.93 -19.50
N ARG B 198 -4.06 21.96 -20.24
CA ARG B 198 -3.09 22.24 -21.30
C ARG B 198 -3.70 22.89 -22.55
N ASN B 199 -4.98 22.62 -22.81
CA ASN B 199 -5.70 23.20 -23.95
C ASN B 199 -5.56 24.70 -24.19
N ARG B 200 -5.25 25.45 -23.14
CA ARG B 200 -5.26 26.91 -23.25
C ARG B 200 -3.89 27.41 -23.68
N TYR B 201 -2.90 26.50 -23.62
CA TYR B 201 -1.57 26.78 -24.19
C TYR B 201 -1.48 26.71 -25.69
N LEU B 202 -2.43 26.01 -26.33
CA LEU B 202 -2.39 25.83 -27.80
C LEU B 202 -2.73 27.12 -28.52
N ASP B 203 -1.83 27.57 -29.39
CA ASP B 203 -2.17 28.67 -30.32
C ASP B 203 -3.34 28.22 -31.27
N PRO B 204 -3.94 29.14 -32.02
CA PRO B 204 -5.10 28.76 -32.87
C PRO B 204 -4.89 27.60 -33.88
N ALA B 205 -3.67 27.51 -34.42
CA ALA B 205 -3.27 26.50 -35.38
C ALA B 205 -3.24 25.12 -34.71
N GLN B 206 -2.57 25.05 -33.57
CA GLN B 206 -2.48 23.83 -32.82
C GLN B 206 -3.82 23.43 -32.26
N ARG B 207 -4.59 24.39 -31.81
CA ARG B 207 -5.90 24.18 -31.27
C ARG B 207 -6.79 23.55 -32.34
N ALA B 208 -6.58 23.95 -33.57
CA ALA B 208 -7.41 23.50 -34.64
C ALA B 208 -7.01 22.07 -35.05
N ALA B 209 -5.70 21.80 -35.13
CA ALA B 209 -5.14 20.48 -35.45
C ALA B 209 -5.46 19.39 -34.35
N ALA B 210 -5.63 19.86 -33.10
CA ALA B 210 -5.83 19.07 -31.89
C ALA B 210 -7.15 18.30 -31.93
N VAL B 211 -8.10 18.86 -32.70
N VAL B 211 -8.12 18.83 -32.69
CA VAL B 211 -9.42 18.25 -32.97
CA VAL B 211 -9.43 18.14 -32.83
C VAL B 211 -9.23 16.83 -33.48
C VAL B 211 -9.21 16.76 -33.41
N ALA B 212 -8.04 16.55 -34.00
CA ALA B 212 -7.81 15.29 -34.75
C ALA B 212 -7.63 14.06 -33.88
N LEU B 213 -7.28 14.28 -32.58
CA LEU B 213 -7.23 13.17 -31.64
C LEU B 213 -8.60 12.57 -31.38
N SER B 214 -9.59 13.39 -31.02
CA SER B 214 -10.92 12.91 -30.82
C SER B 214 -11.58 12.38 -32.11
N ALA B 215 -11.41 13.11 -33.20
CA ALA B 215 -11.90 12.73 -34.53
C ALA B 215 -11.43 11.37 -34.93
N ALA B 216 -10.11 11.18 -34.86
CA ALA B 216 -9.49 9.87 -35.01
C ALA B 216 -10.16 8.77 -34.20
N LEU B 217 -10.47 9.06 -32.94
CA LEU B 217 -10.89 8.00 -32.05
C LEU B 217 -12.32 7.66 -32.29
N THR B 218 -13.14 8.69 -32.56
CA THR B 218 -14.55 8.49 -32.87
CA THR B 218 -14.53 8.37 -32.80
C THR B 218 -14.75 7.73 -34.18
N ALA B 219 -13.89 8.03 -35.17
CA ALA B 219 -13.93 7.42 -36.50
C ALA B 219 -13.58 5.91 -36.40
N ALA B 220 -12.43 5.63 -35.75
CA ALA B 220 -12.06 4.27 -35.26
C ALA B 220 -13.22 3.51 -34.62
N ALA B 221 -13.96 4.15 -33.71
CA ALA B 221 -15.01 3.46 -32.95
C ALA B 221 -16.18 3.04 -33.84
N HIS B 222 -16.49 3.87 -34.85
CA HIS B 222 -17.44 3.54 -35.91
C HIS B 222 -16.96 2.61 -37.01
N ALA B 223 -15.68 2.71 -37.37
CA ALA B 223 -15.06 1.76 -38.31
C ALA B 223 -14.95 0.31 -37.79
N ALA B 224 -15.13 0.16 -36.47
CA ALA B 224 -14.77 -1.07 -35.74
C ALA B 224 -15.64 -2.30 -36.08
N THR B 225 -16.86 -2.03 -36.56
CA THR B 225 -17.73 -3.03 -37.20
C THR B 225 -17.10 -3.79 -38.36
N ALA B 226 -16.23 -3.09 -39.10
CA ALA B 226 -15.34 -3.69 -40.05
C ALA B 226 -14.08 -4.36 -39.39
N GLY B 227 -14.03 -4.45 -38.05
CA GLY B 227 -12.85 -5.04 -37.36
C GLY B 227 -11.73 -4.13 -36.81
N ALA B 228 -10.82 -4.74 -36.06
CA ALA B 228 -9.67 -4.07 -35.44
C ALA B 228 -8.74 -3.30 -36.37
N GLN B 229 -8.34 -3.90 -37.49
CA GLN B 229 -7.47 -3.16 -38.38
C GLN B 229 -8.10 -1.90 -39.07
N ALA B 230 -9.38 -1.98 -39.43
CA ALA B 230 -10.13 -0.87 -40.03
C ALA B 230 -10.15 0.31 -39.10
N ALA B 231 -10.43 0.03 -37.83
CA ALA B 231 -10.46 0.93 -36.72
C ALA B 231 -9.14 1.71 -36.55
N LEU B 232 -8.04 0.97 -36.52
CA LEU B 232 -6.75 1.61 -36.42
C LEU B 232 -6.41 2.42 -37.65
N ASP B 233 -6.68 1.85 -38.82
CA ASP B 233 -6.39 2.52 -40.07
C ASP B 233 -7.24 3.77 -40.19
N ALA B 234 -8.51 3.72 -39.78
CA ALA B 234 -9.31 4.94 -39.68
C ALA B 234 -8.70 6.03 -38.77
N ALA B 235 -8.34 5.64 -37.53
CA ALA B 235 -7.73 6.56 -36.64
C ALA B 235 -6.53 7.19 -37.20
N ARG B 236 -5.69 6.37 -37.78
CA ARG B 236 -4.43 6.84 -38.27
C ARG B 236 -4.58 7.79 -39.50
N ALA B 237 -5.62 7.58 -40.31
CA ALA B 237 -5.84 8.31 -41.50
C ALA B 237 -6.14 9.73 -41.02
N VAL B 238 -6.96 9.84 -40.00
CA VAL B 238 -7.38 11.14 -39.45
C VAL B 238 -6.20 11.96 -38.79
N LEU B 239 -5.37 11.28 -38.02
CA LEU B 239 -4.10 11.83 -37.50
C LEU B 239 -3.19 12.29 -38.57
N ASP B 240 -3.03 11.48 -39.63
CA ASP B 240 -2.26 11.84 -40.83
C ASP B 240 -2.76 13.06 -41.62
N ALA B 241 -4.00 13.47 -41.40
CA ALA B 241 -4.53 14.67 -42.06
C ALA B 241 -4.27 15.96 -41.24
N ALA B 242 -3.72 15.85 -40.02
CA ALA B 242 -3.48 17.01 -39.18
C ALA B 242 -2.04 17.49 -39.34
N PRO B 243 -1.81 18.82 -39.50
CA PRO B 243 -0.42 19.27 -39.51
C PRO B 243 0.06 19.41 -38.03
N GLY B 244 1.33 19.14 -37.79
CA GLY B 244 2.00 19.51 -36.47
C GLY B 244 1.49 18.70 -35.29
N VAL B 245 1.10 17.44 -35.56
CA VAL B 245 0.59 16.49 -34.61
C VAL B 245 1.52 15.29 -34.60
N ALA B 246 2.35 15.20 -33.59
CA ALA B 246 3.38 14.20 -33.58
C ALA B 246 2.86 13.10 -32.67
N VAL B 247 2.39 11.99 -33.25
CA VAL B 247 1.74 10.93 -32.51
C VAL B 247 2.75 10.04 -31.73
N ASP B 248 2.64 9.99 -30.40
CA ASP B 248 3.65 9.24 -29.65
C ASP B 248 3.20 7.79 -29.61
N TYR B 249 1.92 7.53 -29.41
CA TYR B 249 1.39 6.22 -29.73
C TYR B 249 -0.04 6.22 -30.16
N LEU B 250 -0.46 5.17 -30.80
CA LEU B 250 -1.91 4.96 -31.02
C LEU B 250 -2.10 3.47 -30.80
N GLU B 251 -2.81 3.09 -29.74
CA GLU B 251 -2.79 1.68 -29.41
C GLU B 251 -4.16 1.23 -29.02
N LEU B 252 -4.51 0.04 -29.48
CA LEU B 252 -5.74 -0.64 -29.11
C LEU B 252 -5.44 -1.85 -28.20
N ARG B 253 -6.16 -1.90 -27.08
CA ARG B 253 -5.94 -2.79 -25.95
C ARG B 253 -7.28 -3.34 -25.45
N ASP B 254 -7.25 -4.37 -24.59
CA ASP B 254 -8.52 -4.76 -23.94
C ASP B 254 -8.81 -3.67 -22.92
N ILE B 255 -9.97 -3.70 -22.31
CA ILE B 255 -10.35 -2.61 -21.48
C ILE B 255 -9.50 -2.52 -20.17
N GLY B 256 -8.71 -3.55 -19.85
CA GLY B 256 -7.78 -3.55 -18.71
C GLY B 256 -6.37 -3.27 -19.19
N LEU B 257 -6.27 -2.91 -20.45
CA LEU B 257 -5.02 -2.51 -21.09
C LEU B 257 -4.03 -3.63 -21.42
N GLY B 258 -4.50 -4.88 -21.40
CA GLY B 258 -3.71 -5.99 -21.93
C GLY B 258 -3.86 -6.05 -23.45
N PRO B 259 -3.43 -7.17 -24.07
CA PRO B 259 -3.47 -7.31 -25.50
C PRO B 259 -4.92 -7.40 -26.02
N MET B 260 -5.18 -6.66 -27.10
CA MET B 260 -6.51 -6.63 -27.69
CA MET B 260 -6.50 -6.61 -27.70
C MET B 260 -6.95 -8.04 -28.07
N PRO B 261 -8.08 -8.49 -27.50
CA PRO B 261 -8.49 -9.83 -27.88
C PRO B 261 -9.25 -9.79 -29.25
N LEU B 262 -9.32 -10.95 -29.91
CA LEU B 262 -9.81 -11.00 -31.29
C LEU B 262 -11.15 -10.25 -31.62
N ASN B 263 -12.15 -10.36 -30.75
CA ASN B 263 -13.35 -9.53 -30.85
C ASN B 263 -13.80 -9.09 -29.47
N GLY B 264 -14.89 -8.34 -29.37
CA GLY B 264 -15.34 -7.91 -28.04
C GLY B 264 -14.77 -6.57 -27.63
N SER B 265 -14.98 -6.21 -26.37
CA SER B 265 -14.67 -4.87 -25.88
C SER B 265 -13.17 -4.51 -25.86
N GLY B 266 -12.84 -3.23 -26.08
CA GLY B 266 -11.46 -2.78 -26.20
C GLY B 266 -11.37 -1.30 -25.90
N ARG B 267 -10.16 -0.76 -25.97
CA ARG B 267 -10.00 0.63 -25.68
C ARG B 267 -8.95 1.20 -26.59
N LEU B 268 -9.27 2.27 -27.29
CA LEU B 268 -8.27 2.78 -28.19
C LEU B 268 -7.64 3.95 -27.51
N LEU B 269 -6.31 3.94 -27.44
CA LEU B 269 -5.64 5.08 -26.75
C LEU B 269 -4.71 5.81 -27.68
N VAL B 270 -4.58 7.15 -27.53
CA VAL B 270 -3.59 7.91 -28.32
C VAL B 270 -2.83 8.96 -27.49
N ALA B 271 -1.63 9.35 -27.90
CA ALA B 271 -0.92 10.45 -27.27
C ALA B 271 -0.10 11.27 -28.31
N ALA B 272 -0.14 12.60 -28.25
CA ALA B 272 0.51 13.33 -29.29
C ALA B 272 1.12 14.66 -28.79
N ARG B 273 2.15 15.14 -29.47
CA ARG B 273 2.77 16.43 -29.12
C ARG B 273 2.40 17.46 -30.17
N LEU B 274 1.93 18.63 -29.75
CA LEU B 274 1.59 19.75 -30.61
C LEU B 274 2.41 20.87 -30.01
N GLY B 275 3.59 21.07 -30.59
CA GLY B 275 4.48 22.10 -30.11
C GLY B 275 5.13 21.56 -28.87
N THR B 276 4.87 22.23 -27.75
CA THR B 276 5.36 21.77 -26.44
C THR B 276 4.33 20.96 -25.62
N THR B 277 3.10 20.91 -26.12
CA THR B 277 1.95 20.44 -25.36
C THR B 277 1.69 18.98 -25.78
N ARG B 278 1.66 18.08 -24.81
CA ARG B 278 1.45 16.70 -25.04
C ARG B 278 -0.03 16.47 -24.74
N LEU B 279 -0.76 15.92 -25.71
CA LEU B 279 -2.18 15.65 -25.51
C LEU B 279 -2.40 14.13 -25.55
N LEU B 280 -3.45 13.65 -24.88
CA LEU B 280 -3.82 12.25 -24.86
C LEU B 280 -5.33 12.18 -25.07
N ASP B 281 -5.84 11.05 -25.54
CA ASP B 281 -7.30 10.83 -25.42
C ASP B 281 -7.41 9.33 -25.50
N ASN B 282 -8.61 8.83 -25.34
CA ASN B 282 -8.85 7.38 -25.50
C ASN B 282 -10.35 7.17 -25.68
N ILE B 283 -10.75 6.00 -26.13
CA ILE B 283 -12.21 5.75 -26.31
C ILE B 283 -12.50 4.28 -26.22
N ALA B 284 -13.71 3.92 -25.77
CA ALA B 284 -14.27 2.55 -25.91
C ALA B 284 -14.38 2.12 -27.37
N ILE B 285 -13.94 0.90 -27.64
CA ILE B 285 -14.04 0.24 -28.89
C ILE B 285 -14.78 -1.14 -28.67
N GLU B 286 -15.60 -1.54 -29.65
CA GLU B 286 -16.32 -2.85 -29.66
C GLU B 286 -15.97 -3.42 -31.01
N ILE B 287 -15.15 -4.47 -31.07
CA ILE B 287 -14.65 -4.94 -32.39
C ILE B 287 -15.60 -5.90 -33.03
N GLY B 288 -16.15 -5.56 -34.22
CA GLY B 288 -17.37 -6.19 -34.74
C GLY B 288 -18.51 -5.39 -34.16
N THR B 289 -18.22 -4.10 -33.98
CA THR B 289 -19.15 -3.11 -33.41
C THR B 289 -18.41 -1.81 -33.14
#